data_7XRC
#
_entry.id   7XRC
#
_cell.length_a   94.350
_cell.length_b   50.630
_cell.length_c   69.310
_cell.angle_alpha   90.000
_cell.angle_beta   129.060
_cell.angle_gamma   90.000
#
_symmetry.space_group_name_H-M   'C 1 2 1'
#
loop_
_entity.id
_entity.type
_entity.pdbx_description
1 polymer 'POU domain protein'
2 polymer 'More palindromic Oct factor Recognition Element (MORE)'
3 polymer 'More palindromic Oct factor Recognition Element (MORE)'
4 water water
#
loop_
_entity_poly.entity_id
_entity_poly.type
_entity_poly.pdbx_seq_one_letter_code
_entity_poly.pdbx_strand_id
1 'polypeptide(L)'
;GDPHSDEDTPTSDDLEQFAKQFKQRRIKLGFTQADVGLALGTLYGNVFSQTTICRFEALQLSFKNMCKLKPLLNKWLEEA
DSSSGSPTSIDKIAAQGRKRKKRTSIEVSVKGALESHFLKCPKPSAQEITSLADSLQLEKEVVRVWFCNRRQKEKRMTPP
GGTL
;
C
2 'polydeoxyribonucleotide' (DA)(DT)(DG)(DC)(DA)(DT)(DG)(DA)(DG)(DG)(DA) A
3 'polydeoxyribonucleotide' (DC)(DC)(DT)(DC)(DA)(DT)(DG)(DC)(DA)(DT)(DA) B
#
# COMPACT_ATOMS: atom_id res chain seq x y z
N ASP A 8 23.56 2.88 -3.86
CA ASP A 8 23.43 2.19 -2.59
C ASP A 8 22.06 2.48 -1.96
N THR A 9 21.42 1.43 -1.41
CA THR A 9 20.01 1.37 -0.98
C THR A 9 19.84 1.89 0.45
N PRO A 10 18.75 2.60 0.73
CA PRO A 10 18.44 2.94 2.12
C PRO A 10 18.10 1.69 2.93
N THR A 11 18.31 1.79 4.23
CA THR A 11 17.76 0.80 5.14
C THR A 11 16.27 1.05 5.39
N SER A 12 15.66 0.11 6.10
CA SER A 12 14.26 0.29 6.48
C SER A 12 14.11 1.45 7.44
N ASP A 13 15.12 1.68 8.27
CA ASP A 13 15.12 2.81 9.18
C ASP A 13 15.22 4.12 8.41
N ASP A 14 16.04 4.16 7.36
CA ASP A 14 16.11 5.35 6.51
C ASP A 14 14.75 5.68 5.91
N LEU A 15 14.01 4.66 5.49
CA LEU A 15 12.73 4.94 4.86
C LEU A 15 11.69 5.41 5.88
N GLU A 16 11.66 4.81 7.07
CA GLU A 16 10.79 5.34 8.12
C GLU A 16 11.04 6.81 8.35
N GLN A 17 12.29 7.17 8.64
CA GLN A 17 12.59 8.56 8.95
C GLN A 17 12.30 9.48 7.77
N PHE A 18 12.58 9.01 6.54
CA PHE A 18 12.26 9.83 5.37
C PHE A 18 10.75 10.04 5.23
N ALA A 19 9.96 8.98 5.44
CA ALA A 19 8.51 9.13 5.33
C ALA A 19 7.96 10.06 6.42
N LYS A 20 8.47 9.93 7.65
CA LYS A 20 8.04 10.78 8.75
C LYS A 20 8.32 12.24 8.43
N GLN A 21 9.53 12.52 7.95
CA GLN A 21 9.91 13.89 7.63
C GLN A 21 9.23 14.39 6.36
N PHE A 22 8.98 13.50 5.38
CA PHE A 22 8.25 13.91 4.19
C PHE A 22 6.84 14.39 4.54
N LYS A 23 6.10 13.60 5.32
CA LYS A 23 4.77 14.00 5.73
C LYS A 23 4.80 15.33 6.47
N GLN A 24 5.71 15.43 7.44
CA GLN A 24 5.84 16.63 8.27
C GLN A 24 6.04 17.87 7.40
N ARG A 25 6.91 17.76 6.38
CA ARG A 25 7.25 18.87 5.50
C ARG A 25 6.16 19.16 4.48
N ARG A 26 5.48 18.12 4.00
CA ARG A 26 4.37 18.30 3.06
C ARG A 26 3.24 19.10 3.70
N ILE A 27 2.86 18.74 4.92
CA ILE A 27 1.88 19.52 5.66
C ILE A 27 2.33 20.96 5.86
N LYS A 28 3.58 21.15 6.30
CA LYS A 28 4.05 22.51 6.57
C LYS A 28 4.06 23.36 5.30
N LEU A 29 4.27 22.74 4.14
CA LEU A 29 4.19 23.47 2.88
C LEU A 29 2.76 23.71 2.40
N GLY A 30 1.76 23.08 3.02
CA GLY A 30 0.39 23.32 2.62
C GLY A 30 -0.11 22.48 1.45
N PHE A 31 0.52 21.34 1.18
CA PHE A 31 0.11 20.43 0.11
C PHE A 31 -0.64 19.23 0.66
N THR A 32 -1.65 18.78 -0.08
CA THR A 32 -2.34 17.56 0.26
C THR A 32 -1.63 16.38 -0.40
N GLN A 33 -2.06 15.16 -0.03
CA GLN A 33 -1.47 13.97 -0.65
C GLN A 33 -1.78 13.95 -2.15
N ALA A 34 -3.05 14.21 -2.50
CA ALA A 34 -3.44 14.31 -3.91
C ALA A 34 -2.61 15.35 -4.65
N ASP A 35 -2.28 16.47 -3.99
CA ASP A 35 -1.47 17.50 -4.65
C ASP A 35 -0.11 16.95 -5.02
N VAL A 36 0.55 16.27 -4.07
CA VAL A 36 1.88 15.74 -4.34
C VAL A 36 1.82 14.75 -5.51
N GLY A 37 0.86 13.84 -5.46
CA GLY A 37 0.75 12.85 -6.54
C GLY A 37 0.59 13.47 -7.91
N LEU A 38 -0.24 14.50 -8.01
CA LEU A 38 -0.39 15.19 -9.28
C LEU A 38 0.89 15.93 -9.67
N ALA A 39 1.60 16.49 -8.69
CA ALA A 39 2.78 17.28 -9.01
C ALA A 39 3.91 16.39 -9.55
N LEU A 40 3.95 15.12 -9.16
CA LEU A 40 4.93 14.22 -9.73
C LEU A 40 4.67 13.99 -11.21
N GLY A 41 3.40 14.05 -11.64
CA GLY A 41 3.10 14.02 -13.05
C GLY A 41 3.51 15.32 -13.73
N THR A 42 3.14 16.45 -13.10
CA THR A 42 3.42 17.77 -13.67
C THR A 42 4.92 17.98 -13.86
N LEU A 43 5.71 17.65 -12.85
CA LEU A 43 7.11 18.01 -12.83
C LEU A 43 8.02 16.95 -13.43
N TYR A 44 7.62 15.68 -13.39
CA TYR A 44 8.49 14.58 -13.74
C TYR A 44 7.80 13.56 -14.64
N GLY A 45 6.60 13.87 -15.14
CA GLY A 45 5.85 12.99 -16.03
C GLY A 45 5.48 11.65 -15.45
N ASN A 46 5.36 11.53 -14.11
CA ASN A 46 5.07 10.25 -13.44
C ASN A 46 4.01 10.49 -12.37
N VAL A 47 2.75 10.57 -12.79
CA VAL A 47 1.67 10.89 -11.86
C VAL A 47 1.45 9.73 -10.90
N PHE A 48 1.02 10.05 -9.67
CA PHE A 48 0.60 9.05 -8.71
C PHE A 48 -0.65 9.54 -7.98
N SER A 49 -1.40 8.59 -7.46
CA SER A 49 -2.69 8.85 -6.83
C SER A 49 -2.51 9.24 -5.37
N GLN A 50 -3.57 9.87 -4.82
CA GLN A 50 -3.57 10.14 -3.40
C GLN A 50 -3.33 8.86 -2.63
N THR A 51 -3.89 7.74 -3.13
CA THR A 51 -3.78 6.49 -2.40
C THR A 51 -2.33 6.10 -2.23
N THR A 52 -1.53 6.25 -3.29
CA THR A 52 -0.13 5.83 -3.22
C THR A 52 0.68 6.72 -2.29
N ILE A 53 0.47 8.05 -2.37
CA ILE A 53 1.18 8.94 -1.45
C ILE A 53 0.81 8.61 0.00
N CYS A 54 -0.47 8.35 0.26
CA CYS A 54 -0.88 7.99 1.61
C CYS A 54 -0.16 6.73 2.08
N ARG A 55 -0.12 5.67 1.25
CA ARG A 55 0.53 4.44 1.68
C ARG A 55 2.02 4.67 1.93
N PHE A 56 2.67 5.46 1.08
CA PHE A 56 4.07 5.77 1.27
C PHE A 56 4.32 6.35 2.66
N GLU A 57 3.48 7.32 3.06
CA GLU A 57 3.68 7.97 4.34
C GLU A 57 3.47 6.99 5.49
N ALA A 58 2.63 5.99 5.29
CA ALA A 58 2.37 5.00 6.32
C ALA A 58 3.24 3.75 6.18
N LEU A 59 4.21 3.75 5.25
CA LEU A 59 5.04 2.58 4.95
C LEU A 59 4.21 1.36 4.55
N GLN A 60 3.01 1.60 4.02
CA GLN A 60 2.14 0.52 3.58
C GLN A 60 2.42 0.13 2.13
N LEU A 61 3.70 -0.04 1.78
CA LEU A 61 4.11 -0.52 0.46
C LEU A 61 5.30 -1.46 0.67
N SER A 62 5.60 -2.26 -0.35
CA SER A 62 6.78 -3.12 -0.26
C SER A 62 8.07 -2.31 -0.17
N PHE A 63 9.12 -2.96 0.36
CA PHE A 63 10.42 -2.29 0.47
C PHE A 63 10.89 -1.77 -0.89
N LYS A 64 10.77 -2.59 -1.93
CA LYS A 64 11.20 -2.20 -3.28
C LYS A 64 10.45 -0.96 -3.75
N ASN A 65 9.12 -0.94 -3.53
CA ASN A 65 8.28 0.18 -3.94
C ASN A 65 8.66 1.45 -3.19
N MET A 66 8.77 1.33 -1.88
CA MET A 66 9.24 2.41 -1.01
C MET A 66 10.56 2.99 -1.54
N CYS A 67 11.50 2.10 -1.92
CA CYS A 67 12.78 2.54 -2.47
C CYS A 67 12.62 3.23 -3.81
N LYS A 68 11.72 2.72 -4.66
CA LYS A 68 11.46 3.35 -5.96
C LYS A 68 10.90 4.78 -5.81
N LEU A 69 9.97 4.98 -4.87
CA LEU A 69 9.33 6.28 -4.78
C LEU A 69 10.15 7.30 -4.03
N LYS A 70 11.00 6.88 -3.08
CA LYS A 70 11.71 7.83 -2.22
C LYS A 70 12.46 8.92 -3.00
N PRO A 71 13.34 8.60 -3.95
CA PRO A 71 14.03 9.69 -4.66
C PRO A 71 13.09 10.58 -5.44
N LEU A 72 11.98 10.05 -5.95
CA LEU A 72 11.06 10.89 -6.69
C LEU A 72 10.36 11.85 -5.74
N LEU A 73 10.00 11.37 -4.54
CA LEU A 73 9.45 12.27 -3.53
C LEU A 73 10.51 13.21 -2.98
N ASN A 74 11.76 12.77 -2.92
CA ASN A 74 12.80 13.70 -2.50
C ASN A 74 12.98 14.81 -3.53
N LYS A 75 12.76 14.51 -4.81
CA LYS A 75 12.81 15.55 -5.84
C LYS A 75 11.74 16.60 -5.59
N TRP A 76 10.49 16.18 -5.39
CA TRP A 76 9.40 17.12 -5.18
C TRP A 76 9.66 17.99 -3.95
N LEU A 77 10.04 17.35 -2.84
CA LEU A 77 10.39 18.06 -1.62
C LEU A 77 11.46 19.13 -1.86
N GLU A 78 12.57 18.74 -2.48
CA GLU A 78 13.61 19.71 -2.82
C GLU A 78 13.04 20.84 -3.69
N GLU A 79 12.11 20.49 -4.57
CA GLU A 79 11.60 21.45 -5.56
C GLU A 79 10.46 22.29 -4.95
N ALA A 80 9.61 21.68 -4.13
CA ALA A 80 8.56 22.45 -3.45
C ALA A 80 9.12 23.40 -2.41
N ASP A 81 10.29 23.07 -1.83
CA ASP A 81 10.92 23.95 -0.86
C ASP A 81 11.35 25.28 -1.46
N SER A 82 11.32 25.42 -2.77
CA SER A 82 11.80 26.62 -3.45
C SER A 82 10.67 27.59 -3.82
N SER A 83 9.42 27.14 -3.80
CA SER A 83 8.30 27.99 -4.18
C SER A 83 7.69 28.69 -2.96
N THR A 104 -20.62 -5.87 -3.97
CA THR A 104 -19.43 -6.69 -3.76
C THR A 104 -18.61 -6.16 -2.58
N SER A 105 -19.04 -6.51 -1.37
CA SER A 105 -18.36 -6.05 -0.16
C SER A 105 -18.58 -7.10 0.92
N ILE A 106 -17.49 -7.76 1.34
CA ILE A 106 -17.58 -8.93 2.22
C ILE A 106 -18.15 -8.53 3.58
N GLU A 107 -19.13 -9.29 4.04
CA GLU A 107 -19.73 -9.05 5.35
C GLU A 107 -18.68 -9.16 6.45
N VAL A 108 -19.00 -8.56 7.59
CA VAL A 108 -18.08 -8.54 8.72
C VAL A 108 -17.80 -9.95 9.21
N SER A 109 -18.87 -10.74 9.40
CA SER A 109 -18.70 -12.11 9.88
C SER A 109 -17.86 -12.93 8.91
N VAL A 110 -18.14 -12.80 7.61
CA VAL A 110 -17.40 -13.54 6.59
C VAL A 110 -15.93 -13.12 6.59
N LYS A 111 -15.66 -11.85 6.86
CA LYS A 111 -14.29 -11.35 6.82
C LYS A 111 -13.39 -12.10 7.81
N GLY A 112 -13.86 -12.26 9.05
CA GLY A 112 -13.06 -12.97 10.03
C GLY A 112 -12.86 -14.43 9.68
N ALA A 113 -13.81 -15.02 8.94
CA ALA A 113 -13.62 -16.39 8.47
C ALA A 113 -12.47 -16.48 7.48
N LEU A 114 -12.38 -15.51 6.56
CA LEU A 114 -11.26 -15.49 5.62
C LEU A 114 -9.93 -15.42 6.34
N GLU A 115 -9.86 -14.62 7.41
CA GLU A 115 -8.67 -14.56 8.25
C GLU A 115 -8.25 -15.96 8.73
N SER A 116 -9.14 -16.63 9.46
CA SER A 116 -8.81 -17.91 10.09
C SER A 116 -8.10 -18.85 9.10
N HIS A 117 -8.69 -19.03 7.92
CA HIS A 117 -8.09 -19.91 6.92
C HIS A 117 -6.75 -19.37 6.42
N PHE A 118 -6.57 -18.05 6.46
CA PHE A 118 -5.30 -17.48 6.00
C PHE A 118 -4.14 -17.88 6.90
N LEU A 119 -4.37 -17.98 8.21
CA LEU A 119 -3.32 -18.50 9.07
C LEU A 119 -3.14 -20.00 8.86
N LYS A 120 -4.25 -20.74 8.69
CA LYS A 120 -4.12 -22.16 8.39
C LYS A 120 -3.31 -22.38 7.12
N CYS A 121 -3.71 -21.75 6.03
CA CYS A 121 -2.85 -21.72 4.85
C CYS A 121 -3.13 -20.45 4.05
N PRO A 122 -2.10 -19.64 3.81
CA PRO A 122 -2.29 -18.34 3.16
C PRO A 122 -2.28 -18.37 1.64
N LYS A 123 -2.01 -19.53 1.02
CA LYS A 123 -1.98 -19.66 -0.44
C LYS A 123 -2.80 -20.88 -0.86
N PRO A 124 -4.13 -20.78 -0.78
CA PRO A 124 -4.96 -21.93 -1.13
C PRO A 124 -4.98 -22.18 -2.64
N SER A 125 -5.15 -23.46 -2.99
CA SER A 125 -5.24 -23.83 -4.40
C SER A 125 -6.54 -23.31 -4.99
N ALA A 126 -6.59 -23.25 -6.33
CA ALA A 126 -7.82 -22.88 -7.01
C ALA A 126 -8.98 -23.80 -6.66
N GLN A 127 -8.70 -24.98 -6.09
CA GLN A 127 -9.73 -25.90 -5.61
C GLN A 127 -10.18 -25.59 -4.19
N GLU A 128 -9.23 -25.27 -3.29
CA GLU A 128 -9.64 -24.80 -1.97
C GLU A 128 -10.34 -23.45 -2.06
N ILE A 129 -9.92 -22.59 -2.99
CA ILE A 129 -10.56 -21.29 -3.18
C ILE A 129 -12.00 -21.48 -3.61
N THR A 130 -12.23 -22.33 -4.61
CA THR A 130 -13.57 -22.49 -5.16
C THR A 130 -14.53 -23.10 -4.13
N SER A 131 -14.02 -23.92 -3.21
CA SER A 131 -14.88 -24.48 -2.16
C SER A 131 -15.08 -23.48 -1.03
N LEU A 132 -14.04 -22.71 -0.70
CA LEU A 132 -14.21 -21.64 0.26
C LEU A 132 -15.22 -20.62 -0.22
N ALA A 133 -15.33 -20.43 -1.54
CA ALA A 133 -16.26 -19.45 -2.08
C ALA A 133 -17.71 -19.85 -1.83
N ASP A 134 -18.01 -21.15 -1.89
CA ASP A 134 -19.39 -21.57 -1.61
C ASP A 134 -19.70 -21.63 -0.12
N SER A 135 -18.76 -22.15 0.68
CA SER A 135 -19.00 -22.25 2.12
C SER A 135 -19.18 -20.88 2.77
N LEU A 136 -18.71 -19.82 2.13
CA LEU A 136 -18.99 -18.45 2.55
C LEU A 136 -19.87 -17.70 1.56
N GLN A 137 -20.37 -18.38 0.53
CA GLN A 137 -21.28 -17.78 -0.46
C GLN A 137 -20.71 -16.50 -1.05
N LEU A 138 -19.44 -16.55 -1.43
CA LEU A 138 -18.78 -15.52 -2.21
C LEU A 138 -18.46 -16.07 -3.59
N GLU A 139 -18.28 -15.17 -4.55
CA GLU A 139 -17.79 -15.60 -5.85
C GLU A 139 -16.32 -16.01 -5.72
N LYS A 140 -15.93 -17.05 -6.46
CA LYS A 140 -14.57 -17.55 -6.36
C LYS A 140 -13.54 -16.46 -6.66
N GLU A 141 -13.80 -15.64 -7.68
CA GLU A 141 -12.90 -14.53 -7.97
C GLU A 141 -12.74 -13.59 -6.78
N VAL A 142 -13.82 -13.34 -6.04
CA VAL A 142 -13.73 -12.47 -4.86
C VAL A 142 -12.76 -13.06 -3.84
N VAL A 143 -12.83 -14.38 -3.63
CA VAL A 143 -11.97 -15.01 -2.63
C VAL A 143 -10.51 -15.04 -3.10
N ARG A 144 -10.29 -15.42 -4.37
CA ARG A 144 -8.94 -15.43 -4.95
C ARG A 144 -8.27 -14.07 -4.82
N VAL A 145 -9.00 -13.00 -5.16
CA VAL A 145 -8.45 -11.65 -5.07
C VAL A 145 -8.25 -11.24 -3.62
N TRP A 146 -9.16 -11.64 -2.73
CA TRP A 146 -8.99 -11.29 -1.33
C TRP A 146 -7.71 -11.91 -0.77
N PHE A 147 -7.45 -13.18 -1.12
CA PHE A 147 -6.21 -13.80 -0.66
C PHE A 147 -4.99 -13.14 -1.28
N CYS A 148 -5.07 -12.77 -2.56
CA CYS A 148 -3.96 -12.05 -3.18
C CYS A 148 -3.64 -10.80 -2.39
N ASN A 149 -4.68 -10.04 -2.03
CA ASN A 149 -4.47 -8.79 -1.33
C ASN A 149 -3.96 -9.03 0.08
N ARG A 150 -4.45 -10.09 0.74
CA ARG A 150 -4.06 -10.29 2.12
C ARG A 150 -2.62 -10.79 2.17
N ARG A 151 -2.22 -11.58 1.18
CA ARG A 151 -0.81 -11.93 1.03
C ARG A 151 0.03 -10.68 0.76
N GLN A 152 -0.52 -9.68 0.08
CA GLN A 152 0.39 -8.65 -0.35
C GLN A 152 0.56 -7.62 0.77
N LYS A 153 -0.47 -7.44 1.62
CA LYS A 153 -0.30 -6.63 2.83
C LYS A 153 0.76 -7.21 3.76
N GLU A 154 0.85 -8.55 3.85
CA GLU A 154 1.88 -9.18 4.66
C GLU A 154 3.29 -8.76 4.24
N LYS A 155 3.46 -8.32 2.99
CA LYS A 155 4.74 -7.89 2.45
C LYS A 155 4.97 -6.37 2.56
N ARG A 156 4.02 -5.61 3.09
CA ARG A 156 4.27 -4.17 3.26
C ARG A 156 5.35 -3.96 4.32
N MET A 157 6.01 -2.80 4.28
CA MET A 157 7.00 -2.58 5.34
C MET A 157 6.33 -2.44 6.71
N THR A 158 5.13 -1.89 6.77
CA THR A 158 4.34 -1.91 7.98
C THR A 158 3.08 -2.72 7.71
N PRO A 159 3.06 -4.01 8.05
CA PRO A 159 1.91 -4.87 7.72
C PRO A 159 0.80 -4.70 8.74
N PRO A 160 -0.40 -5.23 8.46
CA PRO A 160 -1.54 -4.97 9.37
C PRO A 160 -1.32 -5.45 10.80
N GLY A 161 -0.44 -6.43 11.02
CA GLY A 161 -0.19 -6.94 12.36
C GLY A 161 0.44 -5.92 13.29
#